data_7ZW7
#
_entry.id   7ZW7
#
_cell.length_a   70.957
_cell.length_b   70.957
_cell.length_c   180.514
_cell.angle_alpha   90.000
_cell.angle_beta   90.000
_cell.angle_gamma   90.000
#
_symmetry.space_group_name_H-M   'P 41 21 2'
#
loop_
_entity.id
_entity.type
_entity.pdbx_description
1 polymer 'Putative histone deacetylase 1, 2,3'
2 non-polymer 'ZINC ION'
3 non-polymer 'POTASSIUM ION'
4 non-polymer 'CHLORIDE ION'
5 non-polymer 'FORMIC ACID'
6 non-polymer DI(HYDROXYETHYL)ETHER
7 water water
#
_entity_poly.entity_id   1
_entity_poly.type   'polypeptide(L)'
_entity_poly.pdbx_seq_one_letter_code
;MSVGIVYGDQYRQLCCSSPKFGDRYALVMDLINAYKLIPELSRVPPLQWDSPSRMYEAVTAFHSTEYVDALKKLQMLHCE
EKELTADDELLMDSFSLNYDCPGFPSVFDYSLAAVQGSLAAASALICRHCEVVINWGGGWHHAKRSEASGFCYLNDIVLA
IHRLVSSTPPETSPNRQTRVLYVDLDLHHGDGVEEAFWYSPRVVTFSVHHASPGFFPGTGTWNMVDNDKLPIFLNGAGRG
RFSAFNLPLEEGINDLDWSNAIGPILDSLNIVIQPSYVVVQCGADCLATDPHRIFRLTNFYPNLNLDSDCDSECSLSGYL
YAIKKILSWKVPTLILGGGGYNFPDTARLWTRVTALTIEEVKGKKMTLSPEIPEHSYFSRYGPDFELDIDYFPHESHNKT
LDSIQKHHRRILEQLRNYADLNKLIYDYDQVYQLYNLTGM
;
_entity_poly.pdbx_strand_id   A
#
loop_
_chem_comp.id
_chem_comp.type
_chem_comp.name
_chem_comp.formula
CL non-polymer 'CHLORIDE ION' 'Cl -1'
FMT non-polymer 'FORMIC ACID' 'C H2 O2'
K non-polymer 'POTASSIUM ION' 'K 1'
PEG non-polymer DI(HYDROXYETHYL)ETHER 'C4 H10 O3'
ZN non-polymer 'ZINC ION' 'Zn 2'
#
# COMPACT_ATOMS: atom_id res chain seq x y z
N SER A 2 -8.02 -12.12 15.72
CA SER A 2 -9.09 -11.57 14.89
C SER A 2 -8.52 -10.82 13.67
N VAL A 3 -9.11 -11.05 12.51
CA VAL A 3 -8.74 -10.38 11.28
C VAL A 3 -9.91 -9.54 10.81
N GLY A 4 -9.71 -8.22 10.75
CA GLY A 4 -10.73 -7.32 10.27
C GLY A 4 -10.58 -7.04 8.78
N ILE A 5 -11.70 -6.69 8.15
CA ILE A 5 -11.73 -6.36 6.73
C ILE A 5 -12.83 -5.31 6.53
N VAL A 6 -12.55 -4.34 5.66
CA VAL A 6 -13.41 -3.16 5.51
C VAL A 6 -14.31 -3.35 4.30
N TYR A 7 -15.63 -3.38 4.54
CA TYR A 7 -16.60 -3.37 3.46
C TYR A 7 -17.89 -2.72 3.94
N GLY A 8 -18.81 -2.52 3.00
CA GLY A 8 -20.04 -1.80 3.25
C GLY A 8 -20.66 -1.24 1.98
N ASP A 9 -21.99 -1.26 1.89
CA ASP A 9 -22.66 -0.94 0.64
C ASP A 9 -22.20 0.39 0.06
N GLN A 10 -22.20 1.45 0.88
CA GLN A 10 -21.70 2.73 0.40
C GLN A 10 -20.21 2.65 0.08
N TYR A 11 -19.45 1.96 0.93
CA TYR A 11 -18.04 1.74 0.64
C TYR A 11 -17.85 1.03 -0.69
N ARG A 12 -18.61 -0.04 -0.92
CA ARG A 12 -18.50 -0.79 -2.17
C ARG A 12 -18.94 0.05 -3.36
N GLN A 13 -19.95 0.89 -3.18
CA GLN A 13 -20.39 1.77 -4.27
C GLN A 13 -19.31 2.79 -4.61
N LEU A 14 -18.65 3.35 -3.59
CA LEU A 14 -17.69 4.41 -3.81
C LEU A 14 -16.37 3.89 -4.38
N CYS A 15 -15.88 2.76 -3.85
CA CYS A 15 -14.63 2.19 -4.35
C CYS A 15 -14.78 1.64 -5.77
N CYS A 16 -16.01 1.47 -6.25
CA CYS A 16 -16.27 0.97 -7.60
C CYS A 16 -16.73 2.06 -8.55
N SER A 17 -16.74 3.32 -8.12
CA SER A 17 -17.23 4.42 -8.94
C SER A 17 -16.11 5.18 -9.66
N SER A 18 -14.86 4.76 -9.49
CA SER A 18 -13.76 5.44 -10.17
C SER A 18 -13.67 5.00 -11.63
N PRO A 19 -13.10 5.84 -12.49
CA PRO A 19 -13.00 5.47 -13.91
C PRO A 19 -11.86 4.51 -14.20
N LYS A 20 -10.78 4.61 -13.42
CA LYS A 20 -9.59 3.79 -13.68
C LYS A 20 -9.75 2.37 -13.15
N PHE A 21 -10.23 2.23 -11.92
CA PHE A 21 -10.35 0.92 -11.29
C PHE A 21 -11.75 0.34 -11.35
N GLY A 22 -12.72 1.08 -11.88
CA GLY A 22 -14.05 0.56 -12.15
C GLY A 22 -14.63 -0.30 -11.05
N ASP A 23 -14.79 -1.60 -11.31
CA ASP A 23 -15.40 -2.53 -10.37
C ASP A 23 -14.39 -3.50 -9.77
N ARG A 24 -13.10 -3.14 -9.77
CA ARG A 24 -12.09 -4.04 -9.24
C ARG A 24 -12.41 -4.43 -7.80
N TYR A 25 -12.84 -3.46 -6.99
CA TYR A 25 -13.13 -3.75 -5.58
C TYR A 25 -14.23 -4.78 -5.43
N ALA A 26 -15.21 -4.77 -6.33
CA ALA A 26 -16.28 -5.76 -6.26
C ALA A 26 -15.75 -7.17 -6.52
N LEU A 27 -15.05 -7.36 -7.64
CA LEU A 27 -14.46 -8.66 -7.92
C LEU A 27 -13.62 -9.16 -6.76
N VAL A 28 -12.94 -8.25 -6.05
CA VAL A 28 -12.09 -8.65 -4.95
C VAL A 28 -12.92 -9.18 -3.79
N MET A 29 -13.97 -8.46 -3.41
CA MET A 29 -14.74 -8.83 -2.24
C MET A 29 -15.67 -10.01 -2.53
N ASP A 30 -16.23 -10.07 -3.75
CA ASP A 30 -17.11 -11.18 -4.10
C ASP A 30 -16.34 -12.49 -4.19
N LEU A 31 -15.06 -12.44 -4.55
CA LEU A 31 -14.24 -13.65 -4.60
C LEU A 31 -13.77 -14.06 -3.21
N ILE A 32 -13.51 -13.09 -2.33
CA ILE A 32 -13.28 -13.42 -0.93
C ILE A 32 -14.54 -14.02 -0.32
N ASN A 33 -15.70 -13.54 -0.74
CA ASN A 33 -16.96 -14.10 -0.26
C ASN A 33 -17.17 -15.51 -0.82
N ALA A 34 -16.90 -15.70 -2.12
CA ALA A 34 -17.14 -16.99 -2.75
C ALA A 34 -16.27 -18.10 -2.19
N TYR A 35 -15.15 -17.77 -1.54
CA TYR A 35 -14.30 -18.75 -0.90
C TYR A 35 -14.61 -18.90 0.58
N LYS A 36 -15.78 -18.45 1.02
CA LYS A 36 -16.25 -18.65 2.39
C LYS A 36 -15.31 -18.06 3.43
N LEU A 37 -14.54 -17.04 3.07
CA LEU A 37 -13.65 -16.39 4.03
C LEU A 37 -14.34 -15.30 4.84
N ILE A 38 -15.46 -14.77 4.34
CA ILE A 38 -16.14 -13.68 5.05
C ILE A 38 -16.52 -14.07 6.46
N PRO A 39 -17.09 -15.26 6.72
CA PRO A 39 -17.47 -15.60 8.11
C PRO A 39 -16.31 -15.56 9.08
N GLU A 40 -15.10 -15.95 8.65
CA GLU A 40 -13.94 -15.92 9.52
C GLU A 40 -13.39 -14.51 9.73
N LEU A 41 -13.89 -13.53 8.98
CA LEU A 41 -13.41 -12.15 9.06
C LEU A 41 -14.39 -11.30 9.86
N SER A 42 -13.84 -10.30 10.55
CA SER A 42 -14.61 -9.33 11.32
C SER A 42 -14.75 -8.05 10.51
N ARG A 43 -15.99 -7.61 10.28
CA ARG A 43 -16.25 -6.46 9.42
C ARG A 43 -15.95 -5.18 10.18
N VAL A 44 -14.92 -4.47 9.78
CA VAL A 44 -14.61 -3.13 10.30
C VAL A 44 -15.31 -2.12 9.39
N PRO A 45 -16.24 -1.33 9.91
CA PRO A 45 -16.98 -0.39 9.07
C PRO A 45 -16.18 0.88 8.82
N PRO A 46 -16.38 1.53 7.67
CA PRO A 46 -15.63 2.76 7.37
C PRO A 46 -15.99 3.88 8.33
N LEU A 47 -14.99 4.70 8.64
CA LEU A 47 -15.17 5.80 9.58
C LEU A 47 -16.13 6.83 9.00
N GLN A 48 -16.85 7.52 9.89
CA GLN A 48 -17.76 8.59 9.50
C GLN A 48 -17.74 9.67 10.58
N TRP A 49 -17.75 10.92 10.14
CA TRP A 49 -17.56 12.05 11.04
C TRP A 49 -18.91 12.62 11.48
N ASP A 50 -18.84 13.54 12.44
CA ASP A 50 -20.04 14.12 13.03
C ASP A 50 -20.40 15.49 12.47
N SER A 51 -19.45 16.18 11.86
CA SER A 51 -19.71 17.47 11.22
C SER A 51 -18.77 17.58 10.04
N PRO A 52 -19.08 18.45 9.07
CA PRO A 52 -18.08 18.74 8.04
C PRO A 52 -16.77 19.24 8.64
N SER A 53 -16.85 20.05 9.69
CA SER A 53 -15.64 20.55 10.34
C SER A 53 -14.77 19.41 10.85
N ARG A 54 -15.38 18.38 11.44
CA ARG A 54 -14.61 17.26 11.97
C ARG A 54 -14.01 16.42 10.85
N MET A 55 -14.63 16.42 9.67
CA MET A 55 -14.05 15.71 8.52
C MET A 55 -12.82 16.46 8.01
N TYR A 56 -12.95 17.77 7.79
CA TYR A 56 -11.82 18.56 7.31
C TYR A 56 -10.62 18.43 8.24
N GLU A 57 -10.84 18.57 9.54
CA GLU A 57 -9.72 18.49 10.47
C GLU A 57 -9.07 17.11 10.43
N ALA A 58 -9.84 16.07 10.12
CA ALA A 58 -9.25 14.75 9.96
C ALA A 58 -8.40 14.68 8.71
N VAL A 59 -8.91 15.20 7.59
CA VAL A 59 -8.23 15.09 6.30
C VAL A 59 -7.10 16.10 6.19
N THR A 60 -7.31 17.33 6.64
CA THR A 60 -6.24 18.32 6.65
C THR A 60 -5.21 18.05 7.75
N ALA A 61 -5.28 16.90 8.40
CA ALA A 61 -4.15 16.44 9.21
C ALA A 61 -2.91 16.26 8.34
N PHE A 62 -3.09 15.87 7.08
CA PHE A 62 -1.99 15.76 6.12
C PHE A 62 -2.13 16.73 4.96
N HIS A 63 -3.30 16.79 4.32
CA HIS A 63 -3.48 17.65 3.16
C HIS A 63 -3.78 19.07 3.60
N SER A 64 -3.48 20.01 2.71
CA SER A 64 -3.81 21.42 2.95
C SER A 64 -5.28 21.65 2.64
N THR A 65 -5.80 22.78 3.14
CA THR A 65 -7.23 23.04 2.99
C THR A 65 -7.60 23.48 1.58
N GLU A 66 -6.72 24.20 0.89
CA GLU A 66 -7.01 24.59 -0.49
C GLU A 66 -7.13 23.36 -1.38
N TYR A 67 -6.21 22.41 -1.24
CA TYR A 67 -6.28 21.20 -2.05
C TYR A 67 -7.57 20.43 -1.79
N VAL A 68 -7.95 20.29 -0.51
CA VAL A 68 -9.20 19.59 -0.20
C VAL A 68 -10.39 20.36 -0.73
N ASP A 69 -10.35 21.70 -0.61
CA ASP A 69 -11.43 22.52 -1.16
C ASP A 69 -11.52 22.37 -2.67
N ALA A 70 -10.38 22.45 -3.36
CA ALA A 70 -10.38 22.28 -4.81
C ALA A 70 -10.92 20.90 -5.19
N LEU A 71 -10.56 19.88 -4.44
CA LEU A 71 -11.00 18.52 -4.75
C LEU A 71 -12.50 18.38 -4.60
N LYS A 72 -13.07 19.03 -3.58
CA LYS A 72 -14.53 19.00 -3.42
C LYS A 72 -15.21 19.81 -4.51
N LYS A 73 -14.66 20.97 -4.85
CA LYS A 73 -15.20 21.77 -5.94
C LYS A 73 -15.17 20.99 -7.26
N LEU A 74 -14.06 20.30 -7.52
CA LEU A 74 -13.93 19.56 -8.77
C LEU A 74 -14.98 18.46 -8.87
N GLN A 75 -15.37 17.84 -7.75
CA GLN A 75 -16.49 16.91 -7.80
C GLN A 75 -17.80 17.63 -8.04
N MET A 76 -17.99 18.79 -7.40
CA MET A 76 -19.18 19.59 -7.64
C MET A 76 -19.32 19.93 -9.12
N LEU A 77 -18.26 20.47 -9.72
CA LEU A 77 -18.33 20.88 -11.12
C LEU A 77 -18.62 19.70 -12.03
N HIS A 78 -18.02 18.54 -11.76
CA HIS A 78 -18.24 17.39 -12.62
C HIS A 78 -19.66 16.83 -12.50
N CYS A 79 -20.26 16.92 -11.32
CA CYS A 79 -21.64 16.47 -11.15
C CYS A 79 -22.56 17.25 -12.09
N GLU A 80 -22.81 18.51 -11.79
CA GLU A 80 -23.47 19.37 -12.77
C GLU A 80 -22.71 19.31 -14.10
N GLU A 81 -23.41 19.67 -15.16
CA GLU A 81 -22.75 19.78 -16.46
C GLU A 81 -21.93 21.06 -16.50
N LYS A 82 -21.68 21.64 -15.31
CA LYS A 82 -21.01 22.94 -15.21
C LYS A 82 -19.62 22.87 -15.85
N GLU A 83 -19.38 23.79 -16.77
CA GLU A 83 -18.10 23.85 -17.45
C GLU A 83 -17.06 24.57 -16.58
N LEU A 84 -15.79 24.26 -16.83
CA LEU A 84 -14.69 24.82 -16.06
C LEU A 84 -14.21 26.10 -16.72
N THR A 85 -14.28 27.21 -15.99
CA THR A 85 -13.75 28.47 -16.46
C THR A 85 -12.22 28.41 -16.55
N ALA A 86 -11.65 29.37 -17.28
CA ALA A 86 -10.19 29.48 -17.31
C ALA A 86 -9.62 29.48 -15.91
N ASP A 87 -10.23 30.25 -15.00
CA ASP A 87 -9.74 30.32 -13.63
C ASP A 87 -9.88 28.98 -12.92
N ASP A 88 -10.94 28.22 -13.23
CA ASP A 88 -11.06 26.87 -12.68
C ASP A 88 -9.99 25.94 -13.25
N GLU A 89 -9.59 26.15 -14.51
CA GLU A 89 -8.54 25.34 -15.11
C GLU A 89 -7.21 25.53 -14.39
N LEU A 90 -6.84 26.79 -14.13
CA LEU A 90 -5.59 27.06 -13.44
C LEU A 90 -5.61 26.51 -12.02
N LEU A 91 -6.73 26.66 -11.33
CA LEU A 91 -6.83 26.12 -9.97
C LEU A 91 -6.55 24.62 -9.96
N MET A 92 -7.25 23.86 -10.81
CA MET A 92 -7.07 22.42 -10.84
C MET A 92 -5.63 22.06 -11.21
N ASP A 93 -5.10 22.68 -12.26
CA ASP A 93 -3.73 22.38 -12.69
C ASP A 93 -2.76 22.54 -11.53
N SER A 94 -2.96 23.55 -10.69
CA SER A 94 -2.01 23.85 -9.62
C SER A 94 -1.99 22.78 -8.54
N PHE A 95 -3.00 21.91 -8.49
CA PHE A 95 -2.97 20.73 -7.65
C PHE A 95 -2.84 19.45 -8.48
N SER A 96 -2.49 19.57 -9.76
CA SER A 96 -2.23 18.44 -10.65
C SER A 96 -3.44 17.53 -10.76
N LEU A 97 -4.63 18.09 -10.59
CA LEU A 97 -5.88 17.36 -10.79
C LEU A 97 -6.25 17.45 -12.27
N ASN A 98 -5.54 16.68 -13.08
CA ASN A 98 -5.62 16.75 -14.53
C ASN A 98 -4.73 15.68 -15.12
N TYR A 99 -4.95 15.37 -16.40
CA TYR A 99 -4.17 14.36 -17.09
C TYR A 99 -4.31 13.00 -16.42
N ASP A 100 -3.29 12.59 -15.65
CA ASP A 100 -3.32 11.26 -15.05
C ASP A 100 -4.31 11.18 -13.88
N CYS A 101 -4.69 12.31 -13.29
CA CYS A 101 -5.62 12.36 -12.17
C CYS A 101 -6.75 13.32 -12.53
N PRO A 102 -7.66 12.91 -13.39
CA PRO A 102 -8.77 13.78 -13.77
C PRO A 102 -9.94 13.63 -12.80
N GLY A 103 -10.79 14.65 -12.81
CA GLY A 103 -11.98 14.61 -11.99
C GLY A 103 -13.08 13.77 -12.61
N PHE A 104 -14.04 13.39 -11.76
CA PHE A 104 -15.24 12.71 -12.22
C PHE A 104 -16.34 12.99 -11.23
N PRO A 105 -17.58 12.59 -11.53
CA PRO A 105 -18.71 12.96 -10.66
C PRO A 105 -18.48 12.70 -9.18
N SER A 106 -17.71 11.67 -8.83
CA SER A 106 -17.55 11.27 -7.43
C SER A 106 -16.08 11.22 -7.00
N VAL A 107 -15.24 12.08 -7.58
CA VAL A 107 -13.81 11.98 -7.30
C VAL A 107 -13.50 12.30 -5.85
N PHE A 108 -14.28 13.17 -5.22
CA PHE A 108 -14.01 13.49 -3.83
C PHE A 108 -14.58 12.44 -2.90
N ASP A 109 -15.80 11.96 -3.17
CA ASP A 109 -16.36 10.89 -2.34
C ASP A 109 -15.60 9.59 -2.52
N TYR A 110 -15.06 9.35 -3.72
CA TYR A 110 -14.27 8.15 -3.96
C TYR A 110 -12.89 8.25 -3.32
N SER A 111 -12.30 9.45 -3.28
CA SER A 111 -11.04 9.62 -2.56
C SER A 111 -11.24 9.50 -1.06
N LEU A 112 -12.31 10.14 -0.54
CA LEU A 112 -12.53 10.16 0.90
C LEU A 112 -12.87 8.78 1.44
N ALA A 113 -13.58 7.96 0.66
CA ALA A 113 -13.90 6.61 1.11
C ALA A 113 -12.66 5.90 1.62
N ALA A 114 -11.57 5.95 0.84
CA ALA A 114 -10.34 5.25 1.24
C ALA A 114 -9.73 5.86 2.49
N VAL A 115 -9.90 7.16 2.72
CA VAL A 115 -9.42 7.75 3.97
C VAL A 115 -10.26 7.26 5.13
N GLN A 116 -11.56 7.03 4.91
CA GLN A 116 -12.41 6.48 5.97
C GLN A 116 -12.03 5.03 6.27
N GLY A 117 -11.83 4.22 5.22
CA GLY A 117 -11.52 2.82 5.45
C GLY A 117 -10.27 2.62 6.28
N SER A 118 -9.19 3.31 5.95
CA SER A 118 -7.92 3.10 6.61
C SER A 118 -7.91 3.71 8.01
N LEU A 119 -8.52 4.88 8.18
CA LEU A 119 -8.65 5.44 9.52
C LEU A 119 -9.43 4.50 10.43
N ALA A 120 -10.56 3.97 9.93
CA ALA A 120 -11.30 2.96 10.69
C ALA A 120 -10.42 1.74 10.96
N ALA A 121 -9.71 1.27 9.94
CA ALA A 121 -8.83 0.12 10.12
C ALA A 121 -7.71 0.44 11.11
N ALA A 122 -7.27 1.69 11.17
CA ALA A 122 -6.22 2.07 12.10
C ALA A 122 -6.72 2.12 13.55
N SER A 123 -7.88 2.74 13.78
CA SER A 123 -8.47 2.72 15.11
C SER A 123 -8.78 1.29 15.55
N ALA A 124 -9.21 0.45 14.61
CA ALA A 124 -9.47 -0.95 14.93
C ALA A 124 -8.24 -1.62 15.53
N LEU A 125 -7.05 -1.28 15.01
CA LEU A 125 -5.82 -1.85 15.56
C LEU A 125 -5.46 -1.22 16.89
N ILE A 126 -5.77 0.07 17.07
CA ILE A 126 -5.39 0.76 18.30
C ILE A 126 -6.08 0.13 19.50
N CYS A 127 -7.41 0.02 19.45
CA CYS A 127 -8.16 -0.55 20.58
C CYS A 127 -8.03 -2.07 20.69
N ARG A 128 -7.09 -2.71 19.98
CA ARG A 128 -6.88 -4.16 20.02
C ARG A 128 -8.12 -4.95 19.62
N HIS A 129 -9.11 -4.32 18.99
CA HIS A 129 -10.26 -5.08 18.49
C HIS A 129 -9.82 -6.14 17.49
N CYS A 130 -8.83 -5.80 16.66
CA CYS A 130 -8.35 -6.70 15.61
C CYS A 130 -6.83 -6.81 15.70
N GLU A 131 -6.33 -8.02 15.46
CA GLU A 131 -4.90 -8.25 15.37
C GLU A 131 -4.33 -7.77 14.04
N VAL A 132 -5.11 -7.89 12.97
CA VAL A 132 -4.72 -7.41 11.65
C VAL A 132 -5.99 -6.93 10.96
N VAL A 133 -5.87 -5.81 10.23
CA VAL A 133 -6.99 -5.28 9.46
C VAL A 133 -6.59 -5.24 8.00
N ILE A 134 -7.58 -5.42 7.13
CA ILE A 134 -7.41 -5.40 5.67
C ILE A 134 -8.31 -4.34 5.09
N ASN A 135 -7.82 -3.64 4.06
CA ASN A 135 -8.62 -2.62 3.36
C ASN A 135 -8.19 -2.62 1.89
N TRP A 136 -8.79 -3.49 1.09
CA TRP A 136 -8.45 -3.56 -0.32
C TRP A 136 -8.95 -2.37 -1.12
N GLY A 137 -9.68 -1.45 -0.49
CA GLY A 137 -10.07 -0.22 -1.13
C GLY A 137 -9.23 0.95 -0.66
N GLY A 138 -8.01 0.65 -0.23
CA GLY A 138 -7.07 1.65 0.24
C GLY A 138 -5.67 1.49 -0.33
N GLY A 139 -4.72 2.26 0.19
CA GLY A 139 -3.34 2.14 -0.24
C GLY A 139 -2.96 3.01 -1.42
N TRP A 140 -3.23 4.30 -1.32
CA TRP A 140 -2.95 5.28 -2.37
C TRP A 140 -1.77 6.13 -1.90
N HIS A 141 -0.56 5.63 -2.17
CA HIS A 141 0.66 6.15 -1.60
C HIS A 141 1.26 7.30 -2.40
N HIS A 142 0.65 7.69 -3.51
CA HIS A 142 1.19 8.77 -4.33
C HIS A 142 0.64 10.14 -3.95
N ALA A 143 -0.55 10.20 -3.37
CA ALA A 143 -1.16 11.48 -3.02
C ALA A 143 -0.27 12.26 -2.05
N LYS A 144 -0.09 13.54 -2.33
CA LYS A 144 0.76 14.42 -1.54
C LYS A 144 -0.08 15.52 -0.92
N ARG A 145 0.59 16.37 -0.12
CA ARG A 145 -0.11 17.35 0.69
C ARG A 145 -1.06 18.20 -0.15
N SER A 146 -0.57 18.74 -1.27
CA SER A 146 -1.34 19.69 -2.08
C SER A 146 -1.27 19.33 -3.55
N GLU A 147 -1.23 18.04 -3.87
CA GLU A 147 -1.14 17.62 -5.26
C GLU A 147 -1.53 16.16 -5.40
N ALA A 148 -2.22 15.85 -6.50
CA ALA A 148 -2.59 14.48 -6.83
C ALA A 148 -1.57 13.89 -7.80
N SER A 149 -1.41 12.57 -7.74
CA SER A 149 -0.46 11.86 -8.59
C SER A 149 -0.86 10.40 -8.62
N GLY A 150 -0.75 9.80 -9.81
CA GLY A 150 -0.99 8.36 -9.95
C GLY A 150 -2.40 7.93 -9.63
N PHE A 151 -3.38 8.77 -9.96
CA PHE A 151 -4.77 8.50 -9.61
C PHE A 151 -4.93 8.27 -8.10
N CYS A 152 -4.10 8.95 -7.33
CA CYS A 152 -4.21 9.00 -5.87
C CYS A 152 -4.51 10.43 -5.48
N TYR A 153 -5.71 10.67 -4.95
CA TYR A 153 -6.15 12.02 -4.63
C TYR A 153 -5.96 12.38 -3.16
N LEU A 154 -6.43 11.54 -2.26
CA LEU A 154 -6.22 11.71 -0.83
C LEU A 154 -5.42 10.53 -0.31
N ASN A 155 -4.31 10.82 0.37
CA ASN A 155 -3.38 9.79 0.81
C ASN A 155 -3.91 9.17 2.09
N ASP A 156 -4.64 8.06 1.95
CA ASP A 156 -5.18 7.38 3.13
C ASP A 156 -4.07 6.78 3.98
N ILE A 157 -3.02 6.25 3.34
CA ILE A 157 -1.94 5.61 4.09
C ILE A 157 -1.30 6.61 5.06
N VAL A 158 -0.99 7.81 4.58
CA VAL A 158 -0.43 8.83 5.46
C VAL A 158 -1.33 9.04 6.66
N LEU A 159 -2.63 9.26 6.41
CA LEU A 159 -3.55 9.55 7.50
C LEU A 159 -3.64 8.39 8.49
N ALA A 160 -3.59 7.15 7.99
CA ALA A 160 -3.69 6.00 8.88
C ALA A 160 -2.42 5.80 9.70
N ILE A 161 -1.26 6.11 9.13
CA ILE A 161 -0.02 6.05 9.91
C ILE A 161 -0.01 7.15 10.97
N HIS A 162 -0.34 8.37 10.56
CA HIS A 162 -0.42 9.48 11.50
C HIS A 162 -1.26 9.11 12.71
N ARG A 163 -2.42 8.48 12.49
CA ARG A 163 -3.26 8.06 13.60
C ARG A 163 -2.53 7.05 14.47
N LEU A 164 -1.77 6.13 13.85
CA LEU A 164 -1.09 5.10 14.62
C LEU A 164 -0.02 5.70 15.53
N VAL A 165 0.86 6.54 14.98
CA VAL A 165 1.93 7.11 15.80
C VAL A 165 1.38 8.04 16.88
N SER A 166 0.22 8.66 16.63
CA SER A 166 -0.40 9.55 17.61
C SER A 166 -1.35 8.73 18.48
N SER A 167 -0.75 7.78 19.21
CA SER A 167 -1.49 6.88 20.09
C SER A 167 -0.51 6.29 21.08
N THR A 168 -0.85 6.35 22.37
CA THR A 168 0.04 5.82 23.39
C THR A 168 0.24 4.32 23.18
N PRO A 169 1.47 3.81 23.29
CA PRO A 169 1.73 2.36 23.26
C PRO A 169 1.09 1.64 24.45
N ARG A 176 6.44 2.08 25.17
CA ARG A 176 7.16 3.31 25.44
C ARG A 176 6.79 4.41 24.45
N GLN A 177 7.45 4.43 23.29
CA GLN A 177 7.21 5.43 22.26
C GLN A 177 6.81 4.73 20.96
N THR A 178 5.60 4.99 20.50
CA THR A 178 5.09 4.30 19.32
C THR A 178 5.97 4.56 18.11
N ARG A 179 6.25 3.50 17.36
CA ARG A 179 7.00 3.56 16.11
C ARG A 179 6.33 2.64 15.10
N VAL A 180 6.26 3.08 13.85
CA VAL A 180 5.58 2.35 12.79
C VAL A 180 6.58 2.01 11.68
N LEU A 181 6.49 0.78 11.18
CA LEU A 181 7.24 0.36 10.01
C LEU A 181 6.29 0.27 8.83
N TYR A 182 6.57 1.04 7.78
CA TYR A 182 5.78 1.04 6.56
C TYR A 182 6.51 0.25 5.48
N VAL A 183 5.77 -0.61 4.79
CA VAL A 183 6.34 -1.52 3.80
C VAL A 183 5.47 -1.44 2.55
N ASP A 184 6.02 -0.90 1.47
CA ASP A 184 5.29 -0.66 0.22
C ASP A 184 5.76 -1.68 -0.82
N LEU A 185 4.92 -2.68 -1.08
CA LEU A 185 5.25 -3.73 -2.03
C LEU A 185 4.81 -3.39 -3.46
N ASP A 186 4.28 -2.20 -3.69
CA ASP A 186 3.79 -1.84 -5.00
C ASP A 186 4.94 -1.80 -6.01
N LEU A 187 4.58 -1.93 -7.29
CA LEU A 187 5.57 -1.78 -8.35
C LEU A 187 6.18 -0.38 -8.33
N HIS A 188 5.36 0.62 -8.04
CA HIS A 188 5.80 2.01 -8.06
C HIS A 188 6.30 2.45 -6.68
N HIS A 189 7.12 3.49 -6.69
CA HIS A 189 7.74 3.99 -5.47
C HIS A 189 6.73 4.68 -4.56
N GLY A 190 6.82 4.41 -3.26
CA GLY A 190 5.90 4.99 -2.29
C GLY A 190 6.22 6.42 -1.95
N ASP A 191 6.37 7.27 -2.98
CA ASP A 191 6.91 8.61 -2.78
C ASP A 191 6.09 9.42 -1.78
N GLY A 192 4.77 9.35 -1.87
CA GLY A 192 3.94 10.21 -1.04
C GLY A 192 4.03 9.89 0.44
N VAL A 193 3.94 8.59 0.77
CA VAL A 193 4.12 8.17 2.16
C VAL A 193 5.53 8.48 2.63
N GLU A 194 6.49 8.60 1.70
CA GLU A 194 7.89 8.70 2.07
C GLU A 194 8.30 10.14 2.38
N GLU A 195 7.76 11.11 1.65
CA GLU A 195 8.01 12.50 2.01
C GLU A 195 7.07 12.98 3.09
N ALA A 196 5.97 12.26 3.35
CA ALA A 196 5.10 12.62 4.45
C ALA A 196 5.79 12.46 5.80
N PHE A 197 6.70 11.49 5.91
CA PHE A 197 7.46 11.26 7.14
C PHE A 197 8.95 11.44 6.94
N TRP A 198 9.35 11.98 5.79
CA TRP A 198 10.75 12.22 5.45
C TRP A 198 11.55 12.72 6.65
N TYR A 199 10.94 13.59 7.46
CA TYR A 199 11.63 14.25 8.55
C TYR A 199 11.42 13.58 9.91
N SER A 200 10.74 12.45 9.96
CA SER A 200 10.39 11.85 11.24
C SER A 200 11.11 10.51 11.42
N PRO A 201 11.74 10.29 12.57
CA PRO A 201 12.39 9.00 12.82
C PRO A 201 11.47 7.94 13.40
N ARG A 202 10.22 8.30 13.73
CA ARG A 202 9.28 7.37 14.35
C ARG A 202 8.43 6.61 13.34
N VAL A 203 8.53 6.95 12.06
CA VAL A 203 7.84 6.22 10.99
C VAL A 203 8.90 5.89 9.95
N VAL A 204 9.26 4.61 9.85
CA VAL A 204 10.27 4.15 8.90
C VAL A 204 9.55 3.64 7.67
N THR A 205 9.86 4.21 6.52
CA THR A 205 9.24 3.85 5.25
C THR A 205 10.23 3.05 4.42
N PHE A 206 9.81 1.89 3.93
CA PHE A 206 10.61 1.03 3.07
C PHE A 206 9.77 0.62 1.87
N SER A 207 10.25 0.94 0.68
CA SER A 207 9.55 0.66 -0.56
C SER A 207 10.42 -0.18 -1.47
N VAL A 208 9.82 -1.18 -2.11
CA VAL A 208 10.50 -2.13 -2.97
C VAL A 208 9.81 -2.08 -4.34
N HIS A 209 10.37 -1.29 -5.25
CA HIS A 209 9.71 -0.90 -6.48
C HIS A 209 10.63 -1.17 -7.67
N HIS A 210 10.13 -0.85 -8.85
CA HIS A 210 10.95 -0.78 -10.06
C HIS A 210 11.28 0.67 -10.35
N ALA A 211 12.51 0.90 -10.81
CA ALA A 211 12.93 2.21 -11.27
C ALA A 211 13.71 2.05 -12.57
N SER A 212 13.50 2.99 -13.48
CA SER A 212 14.31 3.12 -14.68
C SER A 212 14.01 4.48 -15.28
N PRO A 213 14.87 4.98 -16.17
CA PRO A 213 14.65 6.31 -16.72
C PRO A 213 13.25 6.47 -17.29
N GLY A 214 12.59 7.56 -16.91
CA GLY A 214 11.27 7.89 -17.41
C GLY A 214 10.12 7.12 -16.80
N PHE A 215 10.38 6.15 -15.93
CA PHE A 215 9.34 5.32 -15.34
C PHE A 215 8.74 6.03 -14.13
N PHE A 216 7.40 6.02 -14.05
CA PHE A 216 6.73 6.69 -12.96
C PHE A 216 6.99 5.97 -11.64
N PRO A 217 7.10 6.70 -10.51
CA PRO A 217 7.12 8.15 -10.37
C PRO A 217 8.53 8.70 -10.52
N GLY A 218 9.48 7.80 -10.76
CA GLY A 218 10.85 8.22 -11.03
C GLY A 218 11.67 8.59 -9.81
N THR A 219 11.18 8.32 -8.60
CA THR A 219 11.92 8.55 -7.37
C THR A 219 12.25 7.22 -6.73
N GLY A 220 12.87 7.28 -5.55
CA GLY A 220 13.26 6.07 -4.86
C GLY A 220 14.47 5.39 -5.45
N THR A 221 15.51 6.14 -5.79
CA THR A 221 16.75 5.62 -6.34
C THR A 221 17.71 6.81 -6.46
N TRP A 222 18.94 6.54 -6.89
CA TRP A 222 19.95 7.57 -7.00
C TRP A 222 19.40 8.78 -7.77
N ASN A 223 19.82 9.97 -7.38
CA ASN A 223 19.34 11.19 -8.00
C ASN A 223 20.49 12.11 -8.37
N MET A 224 20.28 12.90 -9.42
CA MET A 224 21.23 13.91 -9.87
C MET A 224 22.61 13.32 -10.18
N ASN A 227 25.37 19.92 -8.00
CA ASN A 227 25.58 18.64 -8.67
C ASN A 227 26.38 17.68 -7.79
N ASP A 228 27.50 18.16 -7.25
CA ASP A 228 28.31 17.39 -6.30
C ASP A 228 28.94 16.16 -6.97
N LYS A 229 29.47 16.36 -8.17
CA LYS A 229 30.09 15.24 -8.88
C LYS A 229 29.13 14.07 -8.96
N LEU A 230 29.38 13.02 -8.18
CA LEU A 230 28.60 11.80 -8.24
C LEU A 230 27.26 11.94 -7.53
N PRO A 231 26.29 11.09 -7.88
CA PRO A 231 24.96 11.15 -7.25
C PRO A 231 24.89 10.33 -5.97
N ILE A 232 24.03 10.80 -5.08
CA ILE A 232 23.83 10.17 -3.79
C ILE A 232 22.42 9.58 -3.74
N PHE A 233 22.18 8.74 -2.73
CA PHE A 233 20.91 8.03 -2.55
C PHE A 233 20.27 8.54 -1.26
N LEU A 234 19.19 9.32 -1.42
CA LEU A 234 18.59 10.03 -0.29
C LEU A 234 17.70 9.11 0.53
N ASN A 235 17.81 9.24 1.86
CA ASN A 235 17.14 8.32 2.78
C ASN A 235 16.63 9.07 4.01
N GLY A 236 15.93 10.17 3.79
CA GLY A 236 15.37 10.96 4.88
C GLY A 236 16.22 12.18 5.19
N ALA A 237 15.70 13.01 6.08
CA ALA A 237 16.34 14.28 6.40
C ALA A 237 16.06 14.66 7.85
N GLY A 238 16.88 15.59 8.35
CA GLY A 238 16.70 16.06 9.71
C GLY A 238 16.79 14.94 10.72
N ARG A 239 15.98 15.02 11.77
CA ARG A 239 15.97 13.97 12.78
C ARG A 239 15.41 12.66 12.24
N GLY A 240 14.79 12.67 11.06
CA GLY A 240 14.37 11.47 10.38
C GLY A 240 15.35 10.96 9.37
N ARG A 241 16.58 11.48 9.35
CA ARG A 241 17.60 10.98 8.45
C ARG A 241 17.76 9.47 8.63
N PHE A 242 17.97 8.77 7.52
CA PHE A 242 18.17 7.33 7.48
C PHE A 242 16.88 6.56 7.72
N SER A 243 15.72 7.22 7.71
CA SER A 243 14.46 6.58 8.04
C SER A 243 13.72 6.04 6.83
N ALA A 244 14.05 6.49 5.62
CA ALA A 244 13.36 6.07 4.41
C ALA A 244 14.24 5.09 3.63
N PHE A 245 13.72 3.89 3.37
CA PHE A 245 14.47 2.83 2.72
C PHE A 245 13.84 2.50 1.37
N ASN A 246 14.69 2.20 0.38
CA ASN A 246 14.23 1.93 -0.97
C ASN A 246 15.08 0.84 -1.62
N LEU A 247 14.42 -0.06 -2.35
CA LEU A 247 15.07 -1.14 -3.08
C LEU A 247 14.55 -1.10 -4.51
N PRO A 248 15.25 -0.40 -5.41
CA PRO A 248 14.85 -0.38 -6.82
C PRO A 248 15.39 -1.59 -7.56
N LEU A 249 14.50 -2.30 -8.24
CA LEU A 249 14.85 -3.54 -8.92
C LEU A 249 14.67 -3.38 -10.43
N GLU A 250 15.50 -4.08 -11.18
CA GLU A 250 15.40 -4.09 -12.63
C GLU A 250 14.21 -4.95 -13.07
N GLU A 251 13.73 -4.71 -14.29
CA GLU A 251 12.53 -5.37 -14.78
C GLU A 251 12.77 -6.86 -14.95
N GLY A 252 11.70 -7.63 -14.81
CA GLY A 252 11.74 -9.06 -15.07
C GLY A 252 12.10 -9.94 -13.91
N ILE A 253 12.05 -9.43 -12.67
CA ILE A 253 12.33 -10.24 -11.50
C ILE A 253 11.15 -11.15 -11.20
N ASN A 254 11.43 -12.33 -10.66
CA ASN A 254 10.41 -13.31 -10.34
C ASN A 254 10.27 -13.44 -8.82
N ASP A 255 9.40 -14.36 -8.39
CA ASP A 255 9.13 -14.53 -6.97
C ASP A 255 10.42 -14.78 -6.19
N LEU A 256 11.22 -15.75 -6.63
CA LEU A 256 12.36 -16.19 -5.84
C LEU A 256 13.32 -15.02 -5.56
N ASP A 257 13.76 -14.33 -6.62
CA ASP A 257 14.71 -13.25 -6.44
C ASP A 257 14.10 -12.10 -5.66
N TRP A 258 12.86 -11.74 -5.97
CA TRP A 258 12.15 -10.73 -5.20
C TRP A 258 12.15 -11.10 -3.72
N SER A 259 11.83 -12.36 -3.41
CA SER A 259 11.76 -12.79 -2.02
C SER A 259 13.15 -12.71 -1.36
N ASN A 260 14.16 -13.26 -2.02
CA ASN A 260 15.52 -13.12 -1.51
C ASN A 260 15.97 -11.67 -1.49
N ALA A 261 15.37 -10.84 -2.35
CA ALA A 261 15.70 -9.42 -2.35
C ALA A 261 15.24 -8.74 -1.06
N ILE A 262 13.97 -8.92 -0.70
CA ILE A 262 13.40 -8.19 0.43
C ILE A 262 13.39 -8.97 1.74
N GLY A 263 13.50 -10.29 1.69
CA GLY A 263 13.48 -11.09 2.90
C GLY A 263 14.42 -10.55 3.96
N PRO A 264 15.71 -10.46 3.65
CA PRO A 264 16.67 -9.96 4.64
C PRO A 264 16.41 -8.52 5.06
N ILE A 265 15.79 -7.72 4.20
CA ILE A 265 15.57 -6.31 4.55
C ILE A 265 14.42 -6.18 5.53
N LEU A 266 13.40 -7.03 5.42
CA LEU A 266 12.28 -6.96 6.36
C LEU A 266 12.68 -7.45 7.74
N ASP A 267 13.44 -8.56 7.81
CA ASP A 267 13.90 -9.05 9.10
C ASP A 267 14.77 -8.02 9.81
N SER A 268 15.74 -7.45 9.10
CA SER A 268 16.58 -6.41 9.67
C SER A 268 15.74 -5.28 10.24
N LEU A 269 14.82 -4.75 9.43
CA LEU A 269 14.00 -3.63 9.86
C LEU A 269 13.17 -3.98 11.08
N ASN A 270 12.63 -5.20 11.13
CA ASN A 270 11.86 -5.59 12.30
C ASN A 270 12.74 -5.70 13.54
N ILE A 271 13.90 -6.33 13.39
CA ILE A 271 14.82 -6.49 14.51
C ILE A 271 15.24 -5.13 15.05
N VAL A 272 15.76 -4.26 14.18
CA VAL A 272 16.35 -3.01 14.65
C VAL A 272 15.29 -2.04 15.16
N ILE A 273 14.11 -2.03 14.54
CA ILE A 273 13.09 -1.04 14.88
C ILE A 273 12.12 -1.55 15.95
N GLN A 274 11.63 -2.79 15.79
CA GLN A 274 10.63 -3.34 16.70
C GLN A 274 9.37 -2.47 16.67
N PRO A 275 8.69 -2.39 15.54
CA PRO A 275 7.60 -1.42 15.38
C PRO A 275 6.40 -1.79 16.23
N SER A 276 5.65 -0.75 16.65
CA SER A 276 4.39 -0.97 17.34
C SER A 276 3.32 -1.43 16.36
N TYR A 277 3.35 -0.91 15.14
CA TYR A 277 2.40 -1.25 14.10
C TYR A 277 3.14 -1.40 12.78
N VAL A 278 2.63 -2.25 11.90
CA VAL A 278 3.19 -2.44 10.57
C VAL A 278 2.09 -2.20 9.55
N VAL A 279 2.30 -1.24 8.66
CA VAL A 279 1.38 -0.92 7.58
C VAL A 279 1.97 -1.45 6.28
N VAL A 280 1.21 -2.28 5.58
CA VAL A 280 1.68 -2.94 4.36
C VAL A 280 0.80 -2.51 3.21
N GLN A 281 1.39 -1.79 2.25
CA GLN A 281 0.77 -1.52 0.95
C GLN A 281 1.09 -2.71 0.05
N CYS A 282 0.05 -3.36 -0.48
CA CYS A 282 0.24 -4.59 -1.22
CA CYS A 282 0.24 -4.59 -1.22
C CYS A 282 -0.30 -4.48 -2.65
N GLY A 283 0.19 -3.48 -3.39
CA GLY A 283 -0.27 -3.32 -4.76
C GLY A 283 0.06 -4.53 -5.62
N ALA A 284 -0.91 -4.94 -6.43
CA ALA A 284 -0.82 -6.17 -7.20
C ALA A 284 -0.26 -5.96 -8.60
N ASP A 285 0.34 -4.81 -8.89
CA ASP A 285 0.83 -4.55 -10.25
C ASP A 285 2.23 -5.08 -10.49
N CYS A 286 2.80 -5.83 -9.55
CA CYS A 286 4.03 -6.59 -9.79
C CYS A 286 3.75 -7.98 -10.35
N LEU A 287 2.49 -8.35 -10.53
CA LEU A 287 2.15 -9.66 -11.06
C LEU A 287 2.63 -9.79 -12.49
N ALA A 288 3.07 -10.99 -12.86
CA ALA A 288 3.53 -11.24 -14.22
C ALA A 288 2.46 -10.87 -15.25
N THR A 289 1.19 -10.98 -14.88
CA THR A 289 0.08 -10.79 -15.80
C THR A 289 -0.54 -9.40 -15.73
N ASP A 290 0.20 -8.42 -15.19
CA ASP A 290 -0.31 -7.06 -15.17
C ASP A 290 0.10 -6.33 -16.45
N PRO A 291 -0.76 -5.46 -16.98
CA PRO A 291 -0.43 -4.79 -18.25
C PRO A 291 0.92 -4.10 -18.24
N HIS A 292 1.36 -3.62 -17.08
CA HIS A 292 2.69 -3.02 -16.98
C HIS A 292 3.75 -3.98 -17.49
N ARG A 293 3.67 -5.24 -17.08
CA ARG A 293 4.57 -6.28 -17.60
C ARG A 293 6.01 -6.02 -17.18
N ILE A 294 6.20 -5.51 -15.97
CA ILE A 294 7.53 -5.18 -15.47
C ILE A 294 8.09 -6.30 -14.61
N PHE A 295 7.35 -6.71 -13.59
CA PHE A 295 7.79 -7.81 -12.73
C PHE A 295 7.07 -9.10 -13.10
N ARG A 296 7.58 -10.21 -12.58
CA ARG A 296 7.12 -11.55 -12.91
C ARG A 296 6.70 -12.31 -11.66
N LEU A 297 6.06 -11.63 -10.73
CA LEU A 297 5.54 -12.28 -9.54
C LEU A 297 4.26 -13.04 -9.88
N THR A 298 3.84 -13.88 -8.93
CA THR A 298 2.61 -14.65 -9.07
C THR A 298 1.89 -14.68 -7.71
N ASN A 299 0.80 -15.45 -7.66
CA ASN A 299 0.05 -15.70 -6.44
C ASN A 299 0.07 -17.20 -6.12
N PHE A 300 1.18 -17.87 -6.41
CA PHE A 300 1.28 -19.30 -6.18
C PHE A 300 1.54 -19.58 -4.71
N TYR A 301 0.97 -20.68 -4.21
CA TYR A 301 1.17 -21.10 -2.83
C TYR A 301 1.15 -22.62 -2.75
N PRO A 302 2.31 -23.26 -2.51
CA PRO A 302 2.41 -24.71 -2.24
C PRO A 302 1.27 -25.22 -1.37
N SER A 315 8.00 -23.07 -4.97
CA SER A 315 7.90 -21.83 -5.72
C SER A 315 6.77 -20.95 -5.17
N LEU A 316 6.97 -20.46 -3.94
CA LEU A 316 5.96 -19.66 -3.28
C LEU A 316 5.96 -18.23 -3.82
N SER A 317 4.77 -17.64 -3.87
CA SER A 317 4.61 -16.26 -4.33
C SER A 317 5.47 -15.30 -3.52
N GLY A 318 5.93 -14.23 -4.19
CA GLY A 318 6.70 -13.22 -3.50
C GLY A 318 5.86 -12.42 -2.52
N TYR A 319 4.65 -12.02 -2.94
CA TYR A 319 3.75 -11.30 -2.04
C TYR A 319 3.48 -12.11 -0.78
N LEU A 320 2.96 -13.33 -0.94
CA LEU A 320 2.62 -14.15 0.22
C LEU A 320 3.83 -14.37 1.11
N TYR A 321 4.99 -14.60 0.51
CA TYR A 321 6.22 -14.75 1.30
C TYR A 321 6.44 -13.54 2.19
N ALA A 322 6.32 -12.34 1.62
CA ALA A 322 6.52 -11.12 2.41
C ALA A 322 5.42 -10.97 3.46
N ILE A 323 4.18 -11.33 3.10
CA ILE A 323 3.08 -11.19 4.05
C ILE A 323 3.28 -12.12 5.24
N LYS A 324 3.61 -13.39 4.97
CA LYS A 324 3.92 -14.34 6.04
C LYS A 324 5.01 -13.78 6.94
N LYS A 325 6.14 -13.39 6.35
CA LYS A 325 7.27 -12.88 7.14
C LYS A 325 6.83 -11.75 8.08
N ILE A 326 5.93 -10.87 7.61
CA ILE A 326 5.49 -9.77 8.45
C ILE A 326 4.55 -10.26 9.55
N LEU A 327 3.60 -11.14 9.20
CA LEU A 327 2.67 -11.65 10.20
C LEU A 327 3.39 -12.38 11.31
N SER A 328 4.44 -13.13 10.97
CA SER A 328 5.20 -13.85 11.99
C SER A 328 5.73 -12.93 13.08
N TRP A 329 5.92 -11.65 12.77
CA TRP A 329 6.38 -10.70 13.79
C TRP A 329 5.37 -10.53 14.91
N LYS A 330 4.11 -10.88 14.67
CA LYS A 330 3.04 -10.73 15.65
C LYS A 330 2.89 -9.29 16.11
N VAL A 331 3.12 -8.34 15.20
CA VAL A 331 2.86 -6.93 15.44
C VAL A 331 1.51 -6.59 14.83
N PRO A 332 0.73 -5.71 15.42
CA PRO A 332 -0.55 -5.31 14.80
C PRO A 332 -0.29 -4.72 13.42
N THR A 333 -0.93 -5.30 12.40
CA THR A 333 -0.57 -5.01 11.02
C THR A 333 -1.79 -4.55 10.22
N LEU A 334 -1.60 -3.49 9.45
CA LEU A 334 -2.62 -2.96 8.53
C LEU A 334 -2.19 -3.32 7.11
N ILE A 335 -3.02 -4.11 6.43
CA ILE A 335 -2.74 -4.56 5.07
C ILE A 335 -3.66 -3.82 4.12
N LEU A 336 -3.08 -3.03 3.23
CA LEU A 336 -3.83 -2.21 2.29
C LEU A 336 -3.60 -2.71 0.86
N GLY A 337 -4.58 -2.44 0.00
CA GLY A 337 -4.44 -2.74 -1.41
C GLY A 337 -3.59 -1.72 -2.11
N GLY A 338 -3.94 -1.37 -3.33
CA GLY A 338 -3.21 -0.37 -4.08
C GLY A 338 -3.36 -0.60 -5.57
N GLY A 339 -2.27 -0.36 -6.29
CA GLY A 339 -2.25 -0.56 -7.73
C GLY A 339 -2.60 -2.00 -8.10
N GLY A 340 -2.74 -2.26 -9.39
CA GLY A 340 -3.20 -3.55 -9.85
C GLY A 340 -4.28 -3.41 -10.91
N TYR A 341 -3.92 -3.69 -12.17
CA TYR A 341 -4.78 -3.36 -13.29
C TYR A 341 -5.11 -4.59 -14.14
N ASN A 342 -5.06 -5.77 -13.54
CA ASN A 342 -5.59 -7.00 -14.11
C ASN A 342 -6.60 -7.48 -13.07
N PHE A 343 -7.82 -6.96 -13.16
CA PHE A 343 -8.76 -7.03 -12.05
C PHE A 343 -8.92 -8.46 -11.54
N PRO A 344 -9.30 -9.42 -12.39
CA PRO A 344 -9.43 -10.80 -11.89
C PRO A 344 -8.15 -11.34 -11.29
N ASP A 345 -6.98 -10.97 -11.83
CA ASP A 345 -5.72 -11.46 -11.28
C ASP A 345 -5.36 -10.73 -9.99
N THR A 346 -5.76 -9.46 -9.84
CA THR A 346 -5.61 -8.79 -8.56
C THR A 346 -6.54 -9.42 -7.52
N ALA A 347 -7.74 -9.81 -7.94
CA ALA A 347 -8.64 -10.54 -7.05
C ALA A 347 -8.01 -11.87 -6.63
N ARG A 348 -7.51 -12.63 -7.61
CA ARG A 348 -6.82 -13.87 -7.28
C ARG A 348 -5.73 -13.64 -6.23
N LEU A 349 -4.91 -12.62 -6.43
CA LEU A 349 -3.80 -12.37 -5.50
C LEU A 349 -4.30 -12.03 -4.11
N TRP A 350 -5.23 -11.10 -4.00
CA TRP A 350 -5.62 -10.59 -2.69
C TRP A 350 -6.56 -11.54 -1.97
N THR A 351 -7.32 -12.37 -2.68
CA THR A 351 -8.05 -13.44 -2.01
C THR A 351 -7.08 -14.37 -1.30
N ARG A 352 -6.01 -14.77 -1.98
CA ARG A 352 -4.97 -15.56 -1.36
C ARG A 352 -4.37 -14.84 -0.15
N VAL A 353 -3.99 -13.58 -0.34
CA VAL A 353 -3.41 -12.80 0.77
C VAL A 353 -4.32 -12.86 1.98
N THR A 354 -5.64 -12.84 1.75
CA THR A 354 -6.59 -12.86 2.87
C THR A 354 -6.63 -14.23 3.53
N ALA A 355 -6.71 -15.31 2.72
CA ALA A 355 -6.64 -16.65 3.27
C ALA A 355 -5.40 -16.82 4.14
N LEU A 356 -4.24 -16.46 3.61
CA LEU A 356 -3.01 -16.50 4.39
C LEU A 356 -3.18 -15.76 5.71
N THR A 357 -3.64 -14.51 5.64
CA THR A 357 -3.79 -13.71 6.85
C THR A 357 -4.61 -14.44 7.92
N ILE A 358 -5.71 -15.06 7.51
CA ILE A 358 -6.53 -15.82 8.45
C ILE A 358 -5.74 -17.00 9.00
N GLU A 359 -5.21 -17.85 8.12
CA GLU A 359 -4.40 -18.97 8.55
C GLU A 359 -3.34 -18.54 9.55
N GLU A 360 -2.66 -17.42 9.27
CA GLU A 360 -1.50 -17.00 10.04
C GLU A 360 -1.87 -16.27 11.33
N VAL A 361 -3.09 -15.78 11.46
CA VAL A 361 -3.53 -15.04 12.65
C VAL A 361 -4.41 -15.90 13.54
N LYS A 362 -5.56 -16.33 13.03
CA LYS A 362 -6.48 -17.16 13.81
C LYS A 362 -6.02 -18.60 13.94
N GLY A 363 -4.92 -18.98 13.28
CA GLY A 363 -4.48 -20.36 13.27
C GLY A 363 -5.35 -21.31 12.49
N LYS A 364 -6.36 -20.80 11.78
CA LYS A 364 -7.28 -21.62 11.02
C LYS A 364 -6.78 -21.74 9.58
N LYS A 365 -6.50 -22.97 9.14
CA LYS A 365 -6.09 -23.19 7.76
C LYS A 365 -7.33 -23.26 6.86
N MET A 366 -7.36 -22.40 5.85
CA MET A 366 -8.43 -22.37 4.86
C MET A 366 -7.90 -22.95 3.55
N THR A 367 -8.57 -23.99 3.06
CA THR A 367 -8.20 -24.58 1.77
C THR A 367 -9.04 -23.96 0.66
N LEU A 368 -8.37 -23.44 -0.36
CA LEU A 368 -9.02 -22.76 -1.47
C LEU A 368 -8.98 -23.66 -2.69
N SER A 369 -10.15 -24.06 -3.18
CA SER A 369 -10.21 -24.92 -4.35
C SER A 369 -9.50 -24.24 -5.52
N PRO A 370 -8.70 -24.98 -6.28
CA PRO A 370 -8.08 -24.39 -7.48
C PRO A 370 -9.08 -23.87 -8.49
N GLU A 371 -10.30 -24.40 -8.50
CA GLU A 371 -11.34 -23.88 -9.37
C GLU A 371 -12.00 -22.65 -8.75
N ILE A 372 -12.20 -21.62 -9.55
CA ILE A 372 -12.89 -20.43 -9.05
C ILE A 372 -14.33 -20.81 -8.70
N PRO A 373 -14.83 -20.47 -7.52
CA PRO A 373 -16.21 -20.80 -7.18
C PRO A 373 -17.22 -20.06 -8.04
N GLU A 374 -18.45 -20.57 -8.00
CA GLU A 374 -19.57 -19.96 -8.73
C GLU A 374 -20.02 -18.70 -8.01
N HIS A 375 -20.12 -17.60 -8.75
CA HIS A 375 -20.55 -16.35 -8.14
C HIS A 375 -20.83 -15.32 -9.25
N SER A 376 -21.10 -14.09 -8.82
CA SER A 376 -21.41 -13.00 -9.74
C SER A 376 -20.40 -12.90 -10.87
N TYR A 377 -19.15 -12.59 -10.54
CA TYR A 377 -18.13 -12.29 -11.53
C TYR A 377 -17.40 -13.54 -12.03
N PHE A 378 -18.05 -14.70 -11.99
CA PHE A 378 -17.38 -15.94 -12.39
C PHE A 378 -16.93 -15.89 -13.85
N SER A 379 -17.68 -15.21 -14.72
CA SER A 379 -17.31 -15.17 -16.12
C SER A 379 -15.99 -14.44 -16.34
N ARG A 380 -15.67 -13.46 -15.48
CA ARG A 380 -14.46 -12.67 -15.64
C ARG A 380 -13.20 -13.51 -15.48
N TYR A 381 -13.26 -14.57 -14.67
CA TYR A 381 -12.09 -15.40 -14.41
C TYR A 381 -11.83 -16.42 -15.51
N GLY A 382 -12.44 -16.23 -16.67
CA GLY A 382 -12.23 -17.12 -17.79
C GLY A 382 -10.93 -16.83 -18.50
N PRO A 383 -10.56 -17.71 -19.44
CA PRO A 383 -11.36 -18.86 -19.85
C PRO A 383 -11.04 -20.14 -19.08
N ASP A 384 -10.02 -20.11 -18.22
CA ASP A 384 -9.61 -21.28 -17.46
C ASP A 384 -10.21 -21.34 -16.07
N PHE A 385 -10.63 -20.21 -15.52
CA PHE A 385 -11.41 -20.17 -14.27
C PHE A 385 -10.66 -20.83 -13.10
N GLU A 386 -9.35 -20.61 -13.04
CA GLU A 386 -8.54 -21.18 -11.98
C GLU A 386 -8.02 -20.08 -11.06
N LEU A 387 -7.60 -20.48 -9.86
CA LEU A 387 -7.15 -19.52 -8.85
C LEU A 387 -5.74 -19.02 -9.12
N ASP A 388 -4.87 -19.87 -9.63
CA ASP A 388 -3.51 -19.46 -9.97
C ASP A 388 -3.51 -18.70 -11.30
N ILE A 389 -2.72 -17.62 -11.35
CA ILE A 389 -2.61 -16.84 -12.57
C ILE A 389 -1.88 -17.65 -13.63
N ASP A 390 -2.26 -17.44 -14.89
CA ASP A 390 -1.78 -18.27 -15.99
C ASP A 390 -0.40 -17.78 -16.43
N TYR A 391 0.61 -18.16 -15.64
CA TYR A 391 1.98 -17.79 -15.95
C TYR A 391 2.93 -18.82 -15.37
N PHE A 392 3.84 -19.32 -16.21
CA PHE A 392 4.82 -20.31 -15.78
C PHE A 392 6.16 -19.64 -15.55
N PRO A 393 6.61 -19.48 -14.30
CA PRO A 393 7.85 -18.75 -14.05
C PRO A 393 9.07 -19.45 -14.65
N HIS A 394 10.12 -18.66 -14.84
CA HIS A 394 11.39 -19.14 -15.37
C HIS A 394 12.49 -18.31 -14.72
N GLU A 395 13.64 -18.23 -15.38
CA GLU A 395 14.73 -17.37 -14.94
C GLU A 395 15.52 -18.00 -13.79
N ASP A 402 25.81 -9.18 -8.63
CA ASP A 402 24.38 -8.91 -8.58
C ASP A 402 24.11 -7.59 -7.86
N SER A 403 23.52 -6.64 -8.59
CA SER A 403 23.24 -5.32 -8.02
C SER A 403 22.45 -5.42 -6.72
N ILE A 404 21.65 -6.48 -6.56
CA ILE A 404 20.91 -6.66 -5.31
C ILE A 404 21.88 -6.80 -4.14
N GLN A 405 23.01 -7.44 -4.36
CA GLN A 405 24.05 -7.48 -3.33
C GLN A 405 24.49 -6.07 -2.95
N LYS A 406 24.75 -5.22 -3.95
CA LYS A 406 25.14 -3.84 -3.69
C LYS A 406 24.10 -3.12 -2.84
N HIS A 407 22.82 -3.31 -3.15
CA HIS A 407 21.77 -2.63 -2.41
C HIS A 407 21.71 -3.14 -0.96
N HIS A 408 21.78 -4.46 -0.78
CA HIS A 408 21.80 -5.03 0.56
C HIS A 408 22.87 -4.38 1.42
N ARG A 409 24.08 -4.23 0.86
CA ARG A 409 25.16 -3.61 1.61
C ARG A 409 24.85 -2.16 1.94
N ARG A 410 24.44 -1.38 0.94
CA ARG A 410 24.06 0.01 1.19
C ARG A 410 22.95 0.09 2.23
N ILE A 411 22.01 -0.87 2.19
CA ILE A 411 20.85 -0.80 3.08
C ILE A 411 21.24 -1.19 4.50
N LEU A 412 22.17 -2.14 4.65
CA LEU A 412 22.71 -2.46 5.97
C LEU A 412 23.37 -1.23 6.59
N GLU A 413 24.29 -0.61 5.85
CA GLU A 413 24.97 0.58 6.36
C GLU A 413 23.96 1.64 6.79
N GLN A 414 23.03 1.99 5.90
CA GLN A 414 21.98 2.93 6.26
C GLN A 414 21.29 2.50 7.55
N LEU A 415 20.89 1.23 7.63
CA LEU A 415 20.23 0.71 8.83
C LEU A 415 21.14 0.89 10.05
N ARG A 416 22.44 0.66 9.89
CA ARG A 416 23.37 0.95 10.98
C ARG A 416 23.36 2.43 11.32
N ASN A 417 23.47 3.29 10.29
CA ASN A 417 23.44 4.72 10.51
C ASN A 417 22.15 5.17 11.19
N TYR A 418 21.05 4.44 10.97
CA TYR A 418 19.79 4.82 11.59
C TYR A 418 19.74 4.44 13.06
N ALA A 419 20.17 3.23 13.40
CA ALA A 419 20.12 2.80 14.81
C ALA A 419 21.06 3.64 15.65
N ASP A 420 22.26 3.92 15.14
CA ASP A 420 23.17 4.81 15.87
C ASP A 420 22.53 6.16 16.11
N LEU A 421 22.00 6.79 15.05
CA LEU A 421 21.43 8.12 15.17
C LEU A 421 20.36 8.19 16.26
N ASN A 422 19.49 7.19 16.32
CA ASN A 422 18.39 7.18 17.27
C ASN A 422 18.72 6.40 18.54
N LYS A 423 20.00 6.32 18.89
CA LYS A 423 20.46 5.53 20.04
C LYS A 423 19.67 4.24 20.16
N LEU A 424 19.85 3.35 19.19
CA LEU A 424 19.21 2.04 19.19
C LEU A 424 20.26 0.96 19.34
N ILE A 425 19.94 -0.06 20.13
CA ILE A 425 20.83 -1.19 20.40
C ILE A 425 20.27 -2.42 19.69
N TYR A 426 21.15 -3.17 19.04
CA TYR A 426 20.75 -4.39 18.37
C TYR A 426 21.97 -5.30 18.24
N ASP A 427 21.71 -6.56 17.90
CA ASP A 427 22.78 -7.55 17.81
C ASP A 427 23.92 -7.04 16.95
N TYR A 428 23.60 -6.49 15.77
CA TYR A 428 24.61 -5.97 14.84
C TYR A 428 25.29 -7.13 14.12
N ASP A 429 25.29 -8.30 14.75
CA ASP A 429 25.84 -9.53 14.19
C ASP A 429 24.76 -10.41 13.57
N GLN A 430 23.65 -10.61 14.28
CA GLN A 430 22.54 -11.39 13.74
C GLN A 430 21.94 -10.69 12.52
N VAL A 431 21.91 -9.37 12.52
CA VAL A 431 21.36 -8.64 11.38
C VAL A 431 22.22 -8.86 10.15
N TYR A 432 23.55 -8.87 10.31
CA TYR A 432 24.43 -9.15 9.18
C TYR A 432 24.30 -10.60 8.73
N GLN A 433 24.21 -11.54 9.69
CA GLN A 433 24.02 -12.94 9.34
C GLN A 433 22.81 -13.15 8.44
N LEU A 434 21.80 -12.29 8.56
CA LEU A 434 20.58 -12.45 7.77
C LEU A 434 20.88 -12.51 6.28
N TYR A 435 21.99 -11.92 5.85
CA TYR A 435 22.35 -11.90 4.44
C TYR A 435 23.40 -12.98 4.16
ZN ZN B . 1.71 0.70 -8.66
K K C . 6.60 0.15 -3.89
K K D . 10.45 8.64 7.11
CL CL E . -4.03 -20.81 2.67
C FMT F . -0.10 2.30 -8.20
O1 FMT F . 0.34 1.71 -9.22
O2 FMT F . 0.55 3.25 -7.70
H FMT F . -0.92 2.04 -7.82
C1 PEG G . 0.03 5.68 -12.16
O1 PEG G . 1.04 4.75 -12.54
C2 PEG G . -0.26 6.62 -13.29
O2 PEG G . 0.96 7.10 -13.84
C3 PEG G . 0.80 8.23 -14.68
C4 PEG G . 2.05 8.48 -15.45
O4 PEG G . 2.37 7.37 -16.28
H11 PEG G . 0.32 6.17 -11.39
H12 PEG G . -0.78 5.19 -11.95
HO1 PEG G . 1.79 5.12 -12.70
H21 PEG G . -0.78 7.38 -12.95
H22 PEG G . -0.77 6.17 -13.97
H31 PEG G . 0.59 9.01 -14.14
H32 PEG G . 0.06 8.07 -15.29
H41 PEG G . 2.78 8.62 -14.84
H42 PEG G . 1.93 9.26 -16.01
HO4 PEG G . 3.12 7.44 -16.66
C FMT H . 0.27 12.57 -12.36
O1 FMT H . 0.95 12.34 -11.32
O2 FMT H . -0.18 13.74 -12.61
H FMT H . 0.10 11.87 -12.96
#